data_7FDJ
#
_entry.id   7FDJ
#
_cell.length_a   1.00
_cell.length_b   1.00
_cell.length_c   1.00
_cell.angle_alpha   90.00
_cell.angle_beta   90.00
_cell.angle_gamma   90.00
#
_symmetry.space_group_name_H-M   'P 1'
#
_entity_poly.entity_id   1
_entity_poly.type   'polypeptide(L)'
_entity_poly.pdbx_seq_one_letter_code
;MHHHHHHMASSLRQILDSQKMEWRSNAGGSGGGSGGGTGGGGGGYYYYYYDIDPYKEFGASVELLSFLPSDFFPSIRDLL
DTASALYREALESPEHCSPHHTALRQAILCWGELMNLATWVGSNLEDLEVDNKFNKEMWAAWEEIRNLPNLNGWQMTAFI
ASLVDDPSQSANLLAEAKKLNDAQAPKEFVDNKFNKEMWAAWEEIRNLPNLNGWQMTAFIASLVDDPSQSANLLAEAKKL
NDAQAPKGSSRELVVSYVNVNMGLKIRQLLWFHISCLTFGRETVLEYLVSFGVWIRTPPAYRPPNAPILSTLPETTVV
;
_entity_poly.pdbx_strand_id   A,B,D,C
#
# COMPACT_ATOMS: atom_id res chain seq x y z
N TYR A 49 -11.56 27.25 -19.68
CA TYR A 49 -12.38 26.73 -20.77
C TYR A 49 -13.86 26.94 -20.48
N TYR A 50 -14.28 26.56 -19.27
CA TYR A 50 -15.67 26.69 -18.85
C TYR A 50 -15.72 27.19 -17.42
N ASP A 51 -16.83 27.84 -17.08
CA ASP A 51 -17.09 28.34 -15.74
C ASP A 51 -18.14 27.43 -15.10
N ILE A 52 -17.73 26.70 -14.07
CA ILE A 52 -18.59 25.71 -13.42
C ILE A 52 -18.83 26.15 -11.98
N ASP A 53 -20.09 26.12 -11.56
CA ASP A 53 -20.41 26.45 -10.18
C ASP A 53 -19.81 25.39 -9.25
N PRO A 54 -19.04 25.78 -8.24
CA PRO A 54 -18.42 24.78 -7.36
C PRO A 54 -19.44 23.88 -6.68
N TYR A 55 -20.32 24.47 -5.87
CA TYR A 55 -21.35 23.74 -5.14
C TYR A 55 -22.70 24.37 -5.44
N LYS A 56 -23.33 23.94 -6.53
CA LYS A 56 -24.73 24.31 -6.72
C LYS A 56 -25.65 23.37 -5.96
N GLU A 57 -25.20 22.14 -5.71
CA GLU A 57 -25.92 21.25 -4.81
C GLU A 57 -25.93 21.80 -3.39
N PHE A 58 -24.82 22.40 -2.97
CA PHE A 58 -24.71 23.01 -1.65
C PHE A 58 -24.88 24.52 -1.81
N GLY A 59 -26.15 24.94 -1.93
CA GLY A 59 -26.42 26.35 -2.14
C GLY A 59 -25.83 26.81 -3.46
N ALA A 60 -25.05 27.89 -3.40
CA ALA A 60 -24.34 28.38 -4.57
C ALA A 60 -23.15 29.19 -4.08
N SER A 61 -21.94 28.66 -4.23
CA SER A 61 -20.77 29.22 -3.57
C SER A 61 -20.47 30.65 -3.99
N VAL A 62 -20.89 31.08 -5.18
CA VAL A 62 -20.44 32.37 -5.71
C VAL A 62 -20.98 33.53 -4.87
N GLU A 63 -22.30 33.67 -4.83
CA GLU A 63 -22.88 34.80 -4.11
C GLU A 63 -22.67 34.67 -2.60
N LEU A 64 -22.62 33.43 -2.09
CA LEU A 64 -22.41 33.24 -0.66
C LEU A 64 -21.00 33.68 -0.26
N LEU A 65 -20.01 33.41 -1.12
CA LEU A 65 -18.71 34.05 -0.93
C LEU A 65 -18.81 35.55 -1.08
N SER A 66 -19.63 36.02 -2.02
CA SER A 66 -19.71 37.46 -2.29
C SER A 66 -20.17 38.23 -1.07
N PHE A 67 -21.11 37.66 -0.30
CA PHE A 67 -21.55 38.32 0.93
C PHE A 67 -20.40 38.47 1.91
N LEU A 68 -19.61 37.43 2.09
CA LEU A 68 -18.56 37.48 3.09
C LEU A 68 -17.34 38.21 2.54
N PRO A 69 -16.65 38.99 3.37
CA PRO A 69 -15.39 39.60 2.94
C PRO A 69 -14.30 38.55 2.79
N SER A 70 -13.32 38.87 1.97
CA SER A 70 -12.22 37.94 1.71
C SER A 70 -11.40 37.70 2.98
N ASP A 71 -11.14 38.75 3.75
CA ASP A 71 -10.25 38.65 4.90
C ASP A 71 -10.87 37.94 6.09
N PHE A 72 -12.17 37.62 6.02
CA PHE A 72 -12.82 36.94 7.14
C PHE A 72 -12.20 35.57 7.39
N PHE A 73 -11.83 34.87 6.33
CA PHE A 73 -11.31 33.52 6.48
C PHE A 73 -9.97 33.54 7.21
N PRO A 74 -9.68 32.54 8.04
CA PRO A 74 -8.41 32.53 8.78
C PRO A 74 -7.24 32.07 7.92
N SER A 75 -6.07 31.93 8.54
CA SER A 75 -4.90 31.47 7.81
C SER A 75 -5.09 30.01 7.40
N ILE A 76 -4.48 29.65 6.27
CA ILE A 76 -4.69 28.32 5.70
C ILE A 76 -4.08 27.25 6.58
N ARG A 77 -2.91 27.51 7.17
CA ARG A 77 -2.28 26.51 8.01
C ARG A 77 -3.07 26.27 9.29
N ASP A 78 -3.72 27.32 9.82
CA ASP A 78 -4.59 27.12 10.97
C ASP A 78 -5.75 26.21 10.62
N LEU A 79 -6.35 26.40 9.44
CA LEU A 79 -7.44 25.53 9.01
C LEU A 79 -6.97 24.09 8.86
N LEU A 80 -5.79 23.92 8.24
CA LEU A 80 -5.26 22.58 8.05
C LEU A 80 -5.02 21.90 9.40
N ASP A 81 -4.42 22.62 10.34
CA ASP A 81 -4.15 22.05 11.66
C ASP A 81 -5.43 21.74 12.40
N THR A 82 -6.44 22.62 12.29
CA THR A 82 -7.71 22.38 12.96
C THR A 82 -8.39 21.12 12.43
N ALA A 83 -8.40 20.97 11.10
CA ALA A 83 -8.99 19.75 10.52
C ALA A 83 -8.19 18.52 10.91
N SER A 84 -6.87 18.64 10.94
CA SER A 84 -6.01 17.51 11.25
C SER A 84 -6.22 17.05 12.69
N ALA A 85 -6.16 17.98 13.64
CA ALA A 85 -6.31 17.62 15.05
C ALA A 85 -7.67 17.01 15.33
N LEU A 86 -8.63 17.18 14.42
CA LEU A 86 -9.93 16.56 14.59
C LEU A 86 -9.99 15.18 13.95
N TYR A 87 -9.70 15.10 12.65
CA TYR A 87 -10.15 13.96 11.83
C TYR A 87 -9.02 13.39 11.00
N ARG A 88 -7.87 13.10 11.62
CA ARG A 88 -6.83 12.36 10.92
C ARG A 88 -7.33 10.98 10.50
N GLU A 89 -7.90 10.24 11.44
CA GLU A 89 -8.31 8.87 11.18
C GLU A 89 -9.60 8.78 10.38
N ALA A 90 -10.52 9.75 10.55
CA ALA A 90 -11.81 9.66 9.90
C ALA A 90 -11.67 9.72 8.38
N LEU A 91 -10.79 10.59 7.88
CA LEU A 91 -10.59 10.70 6.45
C LEU A 91 -9.99 9.43 5.87
N GLU A 92 -9.01 8.86 6.56
CA GLU A 92 -8.29 7.69 6.04
C GLU A 92 -9.13 6.42 6.10
N SER A 93 -10.36 6.48 6.57
CA SER A 93 -11.20 5.31 6.60
C SER A 93 -11.53 4.85 5.19
N PRO A 94 -11.54 3.54 4.94
CA PRO A 94 -11.83 3.02 3.59
C PRO A 94 -13.33 2.91 3.31
N GLU A 95 -14.03 4.03 3.42
CA GLU A 95 -15.47 4.05 3.16
C GLU A 95 -15.91 5.47 2.87
N HIS A 96 -16.80 5.63 1.88
CA HIS A 96 -17.35 6.93 1.53
C HIS A 96 -18.36 7.31 2.61
N CYS A 97 -17.85 7.92 3.69
CA CYS A 97 -18.73 8.31 4.79
C CYS A 97 -19.77 9.33 4.35
N SER A 98 -19.35 10.31 3.54
CA SER A 98 -20.25 11.33 3.03
C SER A 98 -19.68 11.87 1.75
N PRO A 99 -20.52 12.26 0.79
CA PRO A 99 -19.98 12.95 -0.40
C PRO A 99 -19.21 14.19 -0.02
N HIS A 100 -19.66 14.87 1.02
CA HIS A 100 -18.94 16.02 1.55
C HIS A 100 -17.54 15.62 2.00
N HIS A 101 -17.41 14.45 2.64
CA HIS A 101 -16.10 13.96 3.05
C HIS A 101 -15.20 13.72 1.85
N THR A 102 -15.73 13.09 0.80
CA THR A 102 -14.94 12.85 -0.40
C THR A 102 -14.49 14.16 -1.01
N ALA A 103 -15.38 15.14 -1.08
CA ALA A 103 -15.00 16.43 -1.64
C ALA A 103 -13.89 17.08 -0.82
N LEU A 104 -14.00 17.04 0.50
CA LEU A 104 -13.00 17.72 1.31
C LEU A 104 -11.66 17.01 1.27
N ARG A 105 -11.66 15.67 1.20
CA ARG A 105 -10.38 14.98 1.09
C ARG A 105 -9.75 15.20 -0.28
N GLN A 106 -10.56 15.28 -1.33
CA GLN A 106 -10.02 15.65 -2.62
C GLN A 106 -9.44 17.07 -2.58
N ALA A 107 -10.11 17.97 -1.87
CA ALA A 107 -9.62 19.33 -1.75
C ALA A 107 -8.29 19.38 -1.01
N ILE A 108 -8.15 18.61 0.06
CA ILE A 108 -6.88 18.64 0.79
C ILE A 108 -5.79 17.98 -0.03
N LEU A 109 -6.11 16.96 -0.84
CA LEU A 109 -5.12 16.42 -1.76
C LEU A 109 -4.67 17.47 -2.77
N CYS A 110 -5.62 18.25 -3.29
CA CYS A 110 -5.26 19.33 -4.20
C CYS A 110 -4.39 20.36 -3.50
N TRP A 111 -4.68 20.63 -2.23
CA TRP A 111 -3.84 21.53 -1.45
C TRP A 111 -2.42 21.00 -1.32
N GLY A 112 -2.28 19.70 -1.05
CA GLY A 112 -0.97 19.11 -0.98
C GLY A 112 -0.23 19.19 -2.30
N GLU A 113 -0.94 18.97 -3.40
CA GLU A 113 -0.32 19.11 -4.71
C GLU A 113 0.15 20.53 -4.96
N LEU A 114 -0.67 21.51 -4.56
CA LEU A 114 -0.29 22.91 -4.72
C LEU A 114 0.93 23.24 -3.89
N MET A 115 1.01 22.70 -2.67
CA MET A 115 2.18 22.92 -1.83
C MET A 115 3.42 22.25 -2.41
N ASN A 116 3.25 21.07 -3.01
CA ASN A 116 4.38 20.43 -3.70
C ASN A 116 4.86 21.31 -4.86
N LEU A 117 3.93 21.88 -5.61
CA LEU A 117 4.28 22.79 -6.68
C LEU A 117 5.01 24.02 -6.16
N ALA A 118 4.53 24.57 -5.05
CA ALA A 118 5.17 25.74 -4.46
C ALA A 118 6.59 25.41 -3.99
N THR A 119 6.77 24.24 -3.39
CA THR A 119 8.10 23.83 -2.95
C THR A 119 9.04 23.66 -4.13
N TRP A 120 8.55 23.05 -5.22
CA TRP A 120 9.40 22.90 -6.40
C TRP A 120 9.73 24.27 -7.00
N VAL A 121 8.75 25.17 -7.04
CA VAL A 121 8.98 26.50 -7.61
C VAL A 121 10.02 27.24 -6.79
N GLY A 122 9.91 27.19 -5.46
CA GLY A 122 10.90 27.82 -4.61
C GLY A 122 12.27 27.19 -4.79
N SER A 123 12.32 25.87 -4.93
CA SER A 123 13.59 25.20 -5.17
C SER A 123 14.15 25.50 -6.55
N ASN A 124 13.28 25.84 -7.51
CA ASN A 124 13.66 26.10 -8.89
C ASN A 124 13.13 27.44 -9.34
N LEU A 125 13.35 28.48 -8.53
CA LEU A 125 12.88 29.82 -8.88
C LEU A 125 13.53 30.30 -10.17
N GLU A 126 14.82 30.07 -10.34
CA GLU A 126 15.52 30.50 -11.54
C GLU A 126 16.03 29.29 -12.33
N LEU A 253 8.57 37.77 -4.19
CA LEU A 253 7.46 38.70 -4.35
C LEU A 253 6.26 38.01 -4.98
N VAL A 254 6.52 37.23 -6.03
CA VAL A 254 5.44 36.51 -6.70
C VAL A 254 4.85 35.45 -5.79
N VAL A 255 5.68 34.85 -4.93
CA VAL A 255 5.23 33.79 -4.04
C VAL A 255 4.15 34.29 -3.08
N SER A 256 4.28 35.53 -2.62
CA SER A 256 3.26 36.08 -1.73
C SER A 256 1.91 36.19 -2.44
N TYR A 257 1.91 36.65 -3.69
CA TYR A 257 0.64 36.75 -4.41
C TYR A 257 0.13 35.37 -4.80
N VAL A 258 1.03 34.39 -4.92
CA VAL A 258 0.57 33.01 -5.08
C VAL A 258 -0.16 32.55 -3.82
N ASN A 259 0.40 32.87 -2.66
CA ASN A 259 -0.22 32.49 -1.39
C ASN A 259 -1.57 33.15 -1.20
N VAL A 260 -1.69 34.43 -1.57
CA VAL A 260 -2.93 35.17 -1.34
C VAL A 260 -3.90 35.06 -2.52
N ASN A 261 -3.44 34.55 -3.67
CA ASN A 261 -4.30 34.45 -4.85
C ASN A 261 -5.29 33.32 -4.70
N MET A 262 -4.79 32.09 -4.52
CA MET A 262 -5.68 30.96 -4.30
C MET A 262 -6.19 30.93 -2.87
N GLY A 263 -5.63 31.76 -1.99
CA GLY A 263 -6.04 31.73 -0.60
C GLY A 263 -7.53 31.96 -0.43
N LEU A 264 -8.08 32.90 -1.20
CA LEU A 264 -9.53 33.11 -1.13
C LEU A 264 -10.28 31.85 -1.52
N LYS A 265 -9.93 31.25 -2.66
CA LYS A 265 -10.67 30.09 -3.15
C LYS A 265 -10.48 28.87 -2.24
N ILE A 266 -9.23 28.55 -1.92
CA ILE A 266 -8.96 27.35 -1.15
C ILE A 266 -9.47 27.52 0.28
N ARG A 267 -9.32 28.72 0.84
CA ARG A 267 -9.85 28.98 2.17
C ARG A 267 -11.36 28.90 2.18
N GLN A 268 -12.02 29.42 1.14
CA GLN A 268 -13.47 29.26 1.03
C GLN A 268 -13.85 27.79 1.06
N LEU A 269 -13.23 26.99 0.20
CA LEU A 269 -13.60 25.58 0.13
C LEU A 269 -13.35 24.87 1.46
N LEU A 270 -12.16 25.06 2.02
CA LEU A 270 -11.78 24.33 3.22
C LEU A 270 -12.58 24.79 4.44
N TRP A 271 -12.74 26.10 4.60
CA TRP A 271 -13.53 26.62 5.71
C TRP A 271 -14.98 26.16 5.60
N PHE A 272 -15.56 26.22 4.40
CA PHE A 272 -16.92 25.74 4.21
C PHE A 272 -17.03 24.28 4.62
N HIS A 273 -16.11 23.45 4.14
CA HIS A 273 -16.19 22.02 4.44
C HIS A 273 -16.04 21.75 5.94
N ILE A 274 -15.05 22.38 6.57
CA ILE A 274 -14.82 22.14 7.99
C ILE A 274 -16.02 22.60 8.81
N SER A 275 -16.52 23.80 8.52
CA SER A 275 -17.61 24.35 9.31
C SER A 275 -18.88 23.54 9.12
N CYS A 276 -19.23 23.23 7.87
CA CYS A 276 -20.49 22.54 7.62
C CYS A 276 -20.40 21.04 7.85
N LEU A 277 -19.21 20.49 8.08
CA LEU A 277 -19.11 19.09 8.45
C LEU A 277 -19.86 18.82 9.75
N THR A 278 -19.63 19.65 10.75
CA THR A 278 -20.41 19.64 11.97
C THR A 278 -21.57 20.62 11.79
N PHE A 279 -22.33 20.83 12.86
CA PHE A 279 -23.40 21.81 12.95
C PHE A 279 -24.58 21.48 12.04
N GLY A 280 -24.56 20.35 11.33
CA GLY A 280 -25.67 19.90 10.52
C GLY A 280 -25.57 20.20 9.04
N ARG A 281 -24.69 21.13 8.64
CA ARG A 281 -24.44 21.52 7.25
C ARG A 281 -25.53 22.44 6.70
N GLU A 282 -26.59 22.73 7.46
CA GLU A 282 -27.53 23.76 7.02
C GLU A 282 -27.41 25.05 7.80
N THR A 283 -26.94 25.00 9.05
CA THR A 283 -26.86 26.21 9.86
C THR A 283 -25.90 27.22 9.28
N VAL A 284 -24.97 26.78 8.44
CA VAL A 284 -24.02 27.70 7.81
C VAL A 284 -24.76 28.70 6.93
N LEU A 285 -25.83 28.25 6.27
CA LEU A 285 -26.57 29.12 5.35
C LEU A 285 -27.17 30.31 6.09
N GLU A 286 -27.91 30.05 7.15
CA GLU A 286 -28.48 31.13 7.94
C GLU A 286 -27.41 31.93 8.66
N TYR A 287 -26.32 31.30 9.08
CA TYR A 287 -25.24 32.05 9.70
C TYR A 287 -24.67 33.07 8.71
N LEU A 288 -24.43 32.65 7.47
CA LEU A 288 -23.83 33.57 6.51
C LEU A 288 -24.82 34.62 6.05
N VAL A 289 -26.11 34.27 5.96
CA VAL A 289 -27.08 35.30 5.58
C VAL A 289 -27.23 36.33 6.69
N SER A 290 -27.18 35.89 7.96
CA SER A 290 -27.18 36.84 9.05
C SER A 290 -25.94 37.72 9.03
N PHE A 291 -24.79 37.12 8.70
CA PHE A 291 -23.58 37.92 8.58
C PHE A 291 -23.69 38.94 7.46
N GLY A 292 -24.31 38.56 6.35
CA GLY A 292 -24.53 39.50 5.27
C GLY A 292 -25.45 40.64 5.68
N VAL A 293 -26.50 40.33 6.43
CA VAL A 293 -27.37 41.38 6.95
C VAL A 293 -26.58 42.31 7.86
N TRP A 294 -25.73 41.73 8.72
CA TRP A 294 -24.96 42.53 9.66
C TRP A 294 -23.99 43.45 8.94
N ILE A 295 -23.28 42.93 7.93
CA ILE A 295 -22.29 43.74 7.24
C ILE A 295 -22.97 44.80 6.37
N ARG A 296 -24.12 44.47 5.78
CA ARG A 296 -24.85 45.45 4.99
C ARG A 296 -25.33 46.61 5.84
N THR A 297 -25.48 46.41 7.14
CA THR A 297 -25.91 47.48 8.02
C THR A 297 -24.83 48.55 8.12
N PRO A 298 -25.18 49.84 8.00
CA PRO A 298 -24.15 50.87 8.10
C PRO A 298 -23.58 50.95 9.50
N PRO A 299 -22.35 51.45 9.65
CA PRO A 299 -21.72 51.50 10.97
C PRO A 299 -22.29 52.56 11.91
N ALA A 300 -23.30 53.32 11.48
CA ALA A 300 -23.91 54.29 12.38
C ALA A 300 -24.54 53.60 13.58
N TYR A 301 -25.23 52.48 13.36
CA TYR A 301 -25.70 51.63 14.42
C TYR A 301 -25.52 50.17 13.97
N ARG A 302 -24.63 49.46 14.64
CA ARG A 302 -24.25 48.11 14.28
C ARG A 302 -23.90 47.32 15.54
N PRO A 303 -24.33 46.07 15.62
CA PRO A 303 -23.95 45.25 16.78
C PRO A 303 -22.45 45.09 16.84
N PRO A 304 -21.89 45.01 18.05
CA PRO A 304 -20.43 44.92 18.17
C PRO A 304 -19.83 43.68 17.52
N ASN A 305 -20.58 42.59 17.43
CA ASN A 305 -20.03 41.35 16.92
C ASN A 305 -21.15 40.47 16.38
N ALA A 306 -20.88 39.79 15.28
CA ALA A 306 -21.78 38.78 14.72
C ALA A 306 -20.96 37.55 14.37
N PRO A 307 -20.43 36.85 15.38
CA PRO A 307 -19.51 35.74 15.10
C PRO A 307 -20.24 34.42 14.90
N ILE A 308 -19.47 33.35 14.70
CA ILE A 308 -20.06 32.02 14.57
C ILE A 308 -20.68 31.60 15.89
N LEU A 309 -21.71 30.78 15.81
CA LEU A 309 -22.43 30.28 16.98
C LEU A 309 -22.20 28.79 17.10
N SER A 310 -21.71 28.35 18.25
CA SER A 310 -21.46 26.93 18.48
C SER A 310 -22.77 26.21 18.80
N THR A 311 -22.71 24.89 18.74
CA THR A 311 -23.87 24.07 19.05
C THR A 311 -23.45 22.66 19.44
N TYR B 49 3.90 16.57 4.81
CA TYR B 49 2.75 16.23 5.63
C TYR B 49 2.35 14.77 5.42
N TYR B 50 1.08 14.47 5.70
CA TYR B 50 0.54 13.14 5.55
C TYR B 50 -0.43 13.10 4.37
N ASP B 51 -0.28 12.10 3.52
CA ASP B 51 -1.08 11.97 2.31
C ASP B 51 -2.11 10.87 2.47
N ILE B 52 -3.22 11.01 1.73
CA ILE B 52 -4.35 10.09 1.80
C ILE B 52 -4.65 9.59 0.39
N ASP B 53 -4.86 8.29 0.27
CA ASP B 53 -5.16 7.70 -1.04
C ASP B 53 -6.56 8.09 -1.48
N PRO B 54 -6.73 8.68 -2.67
CA PRO B 54 -8.09 9.02 -3.12
C PRO B 54 -8.89 7.81 -3.52
N TYR B 55 -8.29 6.87 -4.24
CA TYR B 55 -9.00 5.71 -4.76
C TYR B 55 -9.28 4.66 -3.70
N LYS B 56 -8.71 4.79 -2.50
CA LYS B 56 -8.82 3.72 -1.51
C LYS B 56 -10.26 3.52 -1.06
N GLU B 57 -11.04 4.60 -0.98
CA GLU B 57 -12.46 4.42 -0.66
C GLU B 57 -13.21 3.78 -1.81
N PHE B 58 -12.82 4.10 -3.05
CA PHE B 58 -13.43 3.44 -4.20
C PHE B 58 -13.06 1.96 -4.24
N GLY B 59 -11.81 1.64 -3.91
CA GLY B 59 -11.38 0.26 -3.89
C GLY B 59 -10.10 -0.01 -4.64
N ALA B 60 -9.36 1.04 -4.98
CA ALA B 60 -8.11 0.91 -5.70
C ALA B 60 -7.02 1.72 -4.98
N SER B 61 -5.80 1.57 -5.46
CA SER B 61 -4.65 2.27 -4.91
C SER B 61 -3.93 3.03 -6.01
N VAL B 62 -3.21 4.08 -5.61
CA VAL B 62 -2.51 4.92 -6.57
C VAL B 62 -1.46 4.12 -7.31
N GLU B 63 -0.67 3.34 -6.58
CA GLU B 63 0.37 2.53 -7.21
C GLU B 63 -0.21 1.44 -8.10
N LEU B 64 -1.45 1.01 -7.84
CA LEU B 64 -2.09 0.05 -8.73
C LEU B 64 -2.25 0.62 -10.13
N LEU B 65 -2.69 1.87 -10.22
CA LEU B 65 -2.79 2.53 -11.52
C LEU B 65 -1.44 3.03 -12.00
N SER B 66 -0.44 3.11 -11.12
CA SER B 66 0.87 3.57 -11.52
C SER B 66 1.55 2.64 -12.52
N PHE B 67 1.05 1.41 -12.67
CA PHE B 67 1.66 0.48 -13.61
C PHE B 67 1.46 0.92 -15.06
N LEU B 68 0.36 1.61 -15.34
CA LEU B 68 0.07 2.00 -16.72
C LEU B 68 1.14 2.97 -17.22
N PRO B 69 1.66 2.76 -18.41
CA PRO B 69 2.65 3.70 -18.96
C PRO B 69 1.99 5.03 -19.32
N SER B 70 2.85 6.06 -19.43
CA SER B 70 2.36 7.40 -19.68
C SER B 70 1.63 7.50 -21.02
N ASP B 71 2.18 6.85 -22.06
CA ASP B 71 1.60 6.96 -23.39
C ASP B 71 0.22 6.34 -23.49
N PHE B 72 -0.14 5.45 -22.57
CA PHE B 72 -1.45 4.79 -22.65
C PHE B 72 -2.59 5.78 -22.50
N PHE B 73 -2.47 6.72 -21.56
CA PHE B 73 -3.53 7.68 -21.33
C PHE B 73 -3.57 8.72 -22.45
N PRO B 74 -4.75 9.08 -22.94
CA PRO B 74 -4.85 10.01 -24.07
C PRO B 74 -4.57 11.44 -23.62
N SER B 75 -4.73 12.36 -24.56
CA SER B 75 -4.51 13.77 -24.29
C SER B 75 -5.55 14.30 -23.30
N ILE B 76 -5.12 15.25 -22.48
CA ILE B 76 -6.00 15.83 -21.48
C ILE B 76 -7.13 16.62 -22.14
N ARG B 77 -6.82 17.29 -23.25
CA ARG B 77 -7.83 18.10 -23.93
C ARG B 77 -8.98 17.22 -24.42
N ASP B 78 -8.66 16.10 -25.05
CA ASP B 78 -9.71 15.20 -25.54
C ASP B 78 -10.52 14.63 -24.38
N LEU B 79 -9.85 14.27 -23.28
CA LEU B 79 -10.57 13.73 -22.13
C LEU B 79 -11.55 14.76 -21.57
N LEU B 80 -11.08 16.00 -21.40
CA LEU B 80 -11.94 17.05 -20.86
C LEU B 80 -13.12 17.31 -21.79
N ASP B 81 -12.85 17.41 -23.09
CA ASP B 81 -13.92 17.66 -24.05
C ASP B 81 -14.92 16.51 -24.06
N THR B 82 -14.44 15.28 -23.99
CA THR B 82 -15.33 14.12 -23.98
C THR B 82 -16.23 14.15 -22.75
N ALA B 83 -15.64 14.38 -21.58
CA ALA B 83 -16.44 14.41 -20.36
C ALA B 83 -17.48 15.52 -20.42
N SER B 84 -17.08 16.71 -20.89
CA SER B 84 -18.03 17.81 -20.98
C SER B 84 -19.16 17.50 -21.96
N ALA B 85 -18.81 17.10 -23.18
CA ALA B 85 -19.83 16.84 -24.18
C ALA B 85 -20.71 15.64 -23.83
N LEU B 86 -20.25 14.78 -22.93
CA LEU B 86 -21.07 13.64 -22.54
C LEU B 86 -21.95 13.91 -21.34
N TYR B 87 -21.50 14.72 -20.38
CA TYR B 87 -22.28 14.89 -19.15
C TYR B 87 -22.29 16.35 -18.71
N ARG B 88 -22.46 17.27 -19.66
CA ARG B 88 -22.63 18.67 -19.27
C ARG B 88 -23.86 18.87 -18.41
N GLU B 89 -24.98 18.24 -18.77
CA GLU B 89 -26.20 18.40 -17.98
C GLU B 89 -26.03 17.76 -16.60
N ALA B 90 -25.36 16.61 -16.52
CA ALA B 90 -25.18 15.95 -15.24
C ALA B 90 -24.27 16.77 -14.33
N LEU B 91 -23.18 17.30 -14.88
CA LEU B 91 -22.29 18.13 -14.08
C LEU B 91 -22.98 19.41 -13.64
N GLU B 92 -23.77 20.01 -14.52
CA GLU B 92 -24.50 21.22 -14.20
C GLU B 92 -25.83 20.94 -13.51
N SER B 93 -26.16 19.67 -13.27
CA SER B 93 -27.36 19.36 -12.53
C SER B 93 -27.21 19.79 -11.07
N PRO B 94 -28.30 20.25 -10.45
CA PRO B 94 -28.24 20.56 -9.01
C PRO B 94 -28.22 19.33 -8.12
N GLU B 95 -28.22 18.14 -8.69
CA GLU B 95 -28.17 16.89 -7.94
C GLU B 95 -26.78 16.28 -8.10
N HIS B 96 -26.18 15.90 -6.97
CA HIS B 96 -24.85 15.29 -7.00
C HIS B 96 -24.87 13.95 -7.73
N CYS B 97 -25.92 13.16 -7.52
CA CYS B 97 -26.07 11.82 -8.11
C CYS B 97 -24.89 10.97 -7.65
N SER B 98 -24.08 10.42 -8.55
CA SER B 98 -22.96 9.59 -8.12
C SER B 98 -21.88 10.45 -7.46
N PRO B 99 -21.18 9.88 -6.47
CA PRO B 99 -20.04 10.61 -5.88
C PRO B 99 -18.96 10.95 -6.89
N HIS B 100 -18.80 10.12 -7.93
CA HIS B 100 -17.85 10.44 -8.99
C HIS B 100 -18.21 11.76 -9.65
N HIS B 101 -19.50 12.04 -9.81
CA HIS B 101 -19.92 13.31 -10.37
C HIS B 101 -19.43 14.46 -9.51
N THR B 102 -19.52 14.31 -8.19
CA THR B 102 -18.98 15.32 -7.29
C THR B 102 -17.48 15.47 -7.48
N ALA B 103 -16.75 14.35 -7.49
CA ALA B 103 -15.30 14.41 -7.53
C ALA B 103 -14.80 15.08 -8.81
N LEU B 104 -15.43 14.76 -9.94
CA LEU B 104 -15.02 15.38 -11.20
C LEU B 104 -15.16 16.89 -11.15
N ARG B 105 -16.15 17.39 -10.41
CA ARG B 105 -16.35 18.83 -10.34
C ARG B 105 -15.15 19.53 -9.73
N GLN B 106 -14.71 19.08 -8.55
CA GLN B 106 -13.54 19.70 -7.94
C GLN B 106 -12.27 19.42 -8.74
N ALA B 107 -12.18 18.27 -9.40
CA ALA B 107 -11.01 18.02 -10.23
C ALA B 107 -10.92 19.03 -11.36
N ILE B 108 -12.04 19.28 -12.04
CA ILE B 108 -12.06 20.27 -13.10
C ILE B 108 -11.77 21.66 -12.55
N LEU B 109 -12.32 21.97 -11.38
CA LEU B 109 -12.09 23.28 -10.78
C LEU B 109 -10.62 23.50 -10.46
N CYS B 110 -9.96 22.50 -9.86
CA CYS B 110 -8.56 22.67 -9.50
C CYS B 110 -7.68 22.75 -10.74
N TRP B 111 -8.00 21.96 -11.77
CA TRP B 111 -7.21 22.08 -13.00
C TRP B 111 -7.43 23.42 -13.69
N GLY B 112 -8.68 23.93 -13.67
CA GLY B 112 -8.92 25.26 -14.17
C GLY B 112 -8.15 26.31 -13.41
N GLU B 113 -8.04 26.13 -12.10
CA GLU B 113 -7.18 27.00 -11.29
C GLU B 113 -5.71 26.85 -11.70
N LEU B 114 -5.30 25.65 -12.10
CA LEU B 114 -3.91 25.43 -12.50
C LEU B 114 -3.58 26.18 -13.79
N MET B 115 -4.51 26.20 -14.75
CA MET B 115 -4.28 27.06 -15.90
C MET B 115 -4.20 28.53 -15.50
N ASN B 116 -4.99 28.93 -14.50
CA ASN B 116 -4.87 30.30 -14.01
C ASN B 116 -3.50 30.56 -13.43
N LEU B 117 -2.94 29.59 -12.72
CA LEU B 117 -1.59 29.71 -12.19
C LEU B 117 -0.58 29.84 -13.32
N ALA B 118 -0.72 29.04 -14.36
CA ALA B 118 0.18 29.13 -15.51
C ALA B 118 0.07 30.48 -16.19
N THR B 119 -1.15 30.99 -16.33
CA THR B 119 -1.36 32.30 -16.94
C THR B 119 -0.72 33.40 -16.10
N TRP B 120 -0.87 33.32 -14.78
CA TRP B 120 -0.27 34.32 -13.90
C TRP B 120 1.26 34.26 -13.95
N VAL B 121 1.81 33.05 -13.98
CA VAL B 121 3.26 32.91 -14.07
C VAL B 121 3.77 33.49 -15.39
N GLY B 122 3.07 33.21 -16.48
CA GLY B 122 3.45 33.79 -17.76
C GLY B 122 3.35 35.30 -17.78
N SER B 123 2.30 35.85 -17.16
CA SER B 123 2.16 37.30 -17.08
C SER B 123 3.28 37.92 -16.27
N ASN B 124 3.68 37.27 -15.19
CA ASN B 124 4.81 37.77 -14.40
C ASN B 124 6.13 37.65 -15.16
N LEU B 125 6.23 36.66 -16.05
CA LEU B 125 7.49 36.46 -16.78
C LEU B 125 7.84 37.67 -17.63
N GLU B 126 6.85 38.22 -18.33
CA GLU B 126 7.07 39.43 -19.13
C GLU B 126 6.55 40.66 -18.40
N LEU B 253 9.90 25.26 -20.80
CA LEU B 253 10.90 24.96 -19.79
C LEU B 253 10.24 24.64 -18.46
N VAL B 254 10.13 25.66 -17.60
CA VAL B 254 9.49 25.49 -16.31
C VAL B 254 8.02 25.12 -16.49
N VAL B 255 7.33 25.83 -17.40
CA VAL B 255 5.91 25.57 -17.63
C VAL B 255 5.70 24.16 -18.14
N SER B 256 6.56 23.70 -19.05
CA SER B 256 6.43 22.35 -19.58
C SER B 256 6.59 21.31 -18.48
N TYR B 257 7.59 21.49 -17.61
CA TYR B 257 7.78 20.55 -16.51
C TYR B 257 6.59 20.55 -15.57
N VAL B 258 6.06 21.73 -15.25
CA VAL B 258 4.89 21.81 -14.39
C VAL B 258 3.71 21.09 -15.04
N ASN B 259 3.54 21.28 -16.36
CA ASN B 259 2.44 20.61 -17.06
C ASN B 259 2.59 19.10 -16.98
N VAL B 260 3.78 18.59 -17.32
CA VAL B 260 3.96 17.13 -17.36
C VAL B 260 3.97 16.52 -15.96
N ASN B 261 4.21 17.31 -14.92
CA ASN B 261 4.10 16.80 -13.56
C ASN B 261 2.69 16.32 -13.29
N MET B 262 1.73 17.25 -13.31
CA MET B 262 0.36 16.89 -13.00
C MET B 262 -0.33 16.18 -14.15
N GLY B 263 0.29 16.13 -15.34
CA GLY B 263 -0.38 15.46 -16.45
C GLY B 263 -0.72 14.02 -16.13
N LEU B 264 0.24 13.27 -15.59
CA LEU B 264 -0.01 11.87 -15.27
C LEU B 264 -1.09 11.72 -14.22
N LYS B 265 -1.04 12.56 -13.19
CA LYS B 265 -1.99 12.42 -12.08
C LYS B 265 -3.40 12.77 -12.52
N ILE B 266 -3.57 13.89 -13.20
CA ILE B 266 -4.90 14.27 -13.66
C ILE B 266 -5.40 13.28 -14.68
N ARG B 267 -4.50 12.74 -15.51
CA ARG B 267 -4.91 11.72 -16.47
C ARG B 267 -5.42 10.48 -15.76
N GLN B 268 -4.70 10.03 -14.73
CA GLN B 268 -5.16 8.88 -13.96
C GLN B 268 -6.53 9.15 -13.35
N LEU B 269 -6.69 10.29 -12.68
CA LEU B 269 -7.94 10.57 -11.99
C LEU B 269 -9.10 10.69 -12.97
N LEU B 270 -8.91 11.49 -14.03
CA LEU B 270 -9.98 11.72 -14.99
C LEU B 270 -10.33 10.45 -15.74
N TRP B 271 -9.32 9.72 -16.20
CA TRP B 271 -9.56 8.48 -16.92
C TRP B 271 -10.32 7.49 -16.05
N PHE B 272 -9.88 7.32 -14.79
CA PHE B 272 -10.55 6.39 -13.91
C PHE B 272 -12.00 6.78 -13.71
N HIS B 273 -12.25 8.05 -13.39
CA HIS B 273 -13.62 8.46 -13.09
C HIS B 273 -14.51 8.36 -14.31
N ILE B 274 -14.01 8.78 -15.48
CA ILE B 274 -14.82 8.73 -16.70
C ILE B 274 -15.13 7.29 -17.06
N SER B 275 -14.12 6.42 -17.03
CA SER B 275 -14.33 5.03 -17.41
C SER B 275 -15.26 4.33 -16.43
N CYS B 276 -15.05 4.54 -15.13
CA CYS B 276 -15.88 3.86 -14.14
C CYS B 276 -17.29 4.44 -14.08
N LEU B 277 -17.49 5.65 -14.60
CA LEU B 277 -18.83 6.21 -14.64
C LEU B 277 -19.76 5.34 -15.47
N THR B 278 -19.27 4.87 -16.61
CA THR B 278 -19.96 3.84 -17.37
C THR B 278 -19.40 2.47 -16.98
N PHE B 279 -19.92 1.42 -17.61
CA PHE B 279 -19.44 0.05 -17.51
C PHE B 279 -19.68 -0.57 -16.13
N GLY B 280 -20.20 0.19 -15.16
CA GLY B 280 -20.56 -0.34 -13.87
C GLY B 280 -19.58 -0.05 -12.75
N ARG B 281 -18.35 0.35 -13.08
CA ARG B 281 -17.23 0.64 -12.19
C ARG B 281 -16.54 -0.62 -11.68
N GLU B 282 -17.08 -1.82 -11.93
CA GLU B 282 -16.35 -3.01 -11.49
C GLU B 282 -15.37 -3.50 -12.54
N THR B 283 -15.83 -3.60 -13.80
CA THR B 283 -15.02 -4.19 -14.85
C THR B 283 -13.70 -3.46 -15.03
N VAL B 284 -13.63 -2.19 -14.64
CA VAL B 284 -12.37 -1.47 -14.69
C VAL B 284 -11.33 -2.16 -13.83
N LEU B 285 -11.75 -2.68 -12.68
CA LEU B 285 -10.81 -3.34 -11.77
C LEU B 285 -10.18 -4.57 -12.41
N GLU B 286 -11.02 -5.45 -12.97
CA GLU B 286 -10.48 -6.62 -13.63
C GLU B 286 -9.62 -6.24 -14.84
N TYR B 287 -10.03 -5.22 -15.59
CA TYR B 287 -9.23 -4.80 -16.73
C TYR B 287 -7.85 -4.34 -16.29
N LEU B 288 -7.79 -3.55 -15.21
CA LEU B 288 -6.50 -3.02 -14.77
C LEU B 288 -5.64 -4.10 -14.15
N VAL B 289 -6.23 -5.03 -13.41
CA VAL B 289 -5.41 -6.11 -12.84
C VAL B 289 -4.89 -7.02 -13.94
N SER B 290 -5.70 -7.25 -14.98
CA SER B 290 -5.21 -8.03 -16.12
C SER B 290 -4.09 -7.29 -16.83
N PHE B 291 -4.21 -5.97 -16.96
CA PHE B 291 -3.13 -5.19 -17.56
C PHE B 291 -1.86 -5.29 -16.73
N GLY B 292 -2.00 -5.26 -15.41
CA GLY B 292 -0.83 -5.44 -14.56
C GLY B 292 -0.18 -6.80 -14.76
N VAL B 293 -1.00 -7.85 -14.88
CA VAL B 293 -0.45 -9.17 -15.18
C VAL B 293 0.28 -9.15 -16.51
N TRP B 294 -0.32 -8.49 -17.51
CA TRP B 294 0.28 -8.43 -18.84
C TRP B 294 1.62 -7.72 -18.82
N ILE B 295 1.70 -6.59 -18.12
CA ILE B 295 2.93 -5.80 -18.15
C ILE B 295 4.00 -6.41 -17.26
N ARG B 296 3.62 -7.07 -16.17
CA ARG B 296 4.62 -7.71 -15.33
C ARG B 296 5.32 -8.84 -16.08
N THR B 297 4.63 -9.47 -17.02
CA THR B 297 5.26 -10.48 -17.86
C THR B 297 6.35 -9.84 -18.70
N PRO B 298 7.51 -10.47 -18.83
CA PRO B 298 8.55 -9.92 -19.69
C PRO B 298 8.06 -9.83 -21.13
N PRO B 299 8.55 -8.86 -21.89
CA PRO B 299 7.99 -8.61 -23.23
C PRO B 299 8.10 -9.80 -24.18
N ALA B 300 9.08 -10.68 -23.98
CA ALA B 300 9.24 -11.81 -24.88
C ALA B 300 8.01 -12.72 -24.87
N TYR B 301 7.49 -13.04 -23.70
CA TYR B 301 6.39 -13.98 -23.57
C TYR B 301 5.06 -13.24 -23.40
N ARG B 302 4.74 -12.40 -24.39
CA ARG B 302 3.53 -11.62 -24.34
C ARG B 302 2.70 -11.86 -25.60
N PRO B 303 1.37 -11.73 -25.50
CA PRO B 303 0.56 -11.74 -26.70
C PRO B 303 0.89 -10.56 -27.58
N PRO B 304 0.68 -10.67 -28.90
CA PRO B 304 1.03 -9.56 -29.79
C PRO B 304 0.34 -8.25 -29.44
N ASN B 305 -0.87 -8.30 -28.91
CA ASN B 305 -1.59 -7.11 -28.51
C ASN B 305 -1.92 -7.17 -27.02
N ALA B 306 -2.08 -5.99 -26.42
CA ALA B 306 -2.48 -5.92 -25.03
C ALA B 306 -3.99 -6.05 -24.91
N PRO B 307 -4.48 -6.58 -23.78
CA PRO B 307 -5.93 -6.65 -23.59
C PRO B 307 -6.55 -5.26 -23.57
N ILE B 308 -7.76 -5.16 -24.09
CA ILE B 308 -8.46 -3.89 -24.21
C ILE B 308 -9.79 -3.98 -23.47
N LEU B 309 -10.29 -2.83 -23.06
CA LEU B 309 -11.54 -2.78 -22.31
C LEU B 309 -12.71 -3.20 -23.20
N SER B 310 -13.65 -3.91 -22.60
CA SER B 310 -14.80 -4.46 -23.31
C SER B 310 -16.09 -4.00 -22.65
N THR B 311 -17.18 -4.20 -23.38
CA THR B 311 -18.53 -3.87 -22.90
C THR B 311 -18.64 -2.41 -22.46
N TYR C 49 12.00 -3.23 3.09
CA TYR C 49 11.40 -1.93 2.81
C TYR C 49 10.12 -1.73 3.63
N TYR C 50 9.74 -2.74 4.40
CA TYR C 50 8.54 -2.70 5.21
C TYR C 50 8.78 -3.46 6.51
N ASP C 51 7.95 -3.16 7.51
CA ASP C 51 8.09 -3.73 8.85
C ASP C 51 6.82 -4.47 9.21
N ILE C 52 6.91 -5.79 9.32
CA ILE C 52 5.78 -6.66 9.61
C ILE C 52 6.14 -7.59 10.75
N ASP C 53 5.18 -7.86 11.62
CA ASP C 53 5.42 -8.76 12.76
C ASP C 53 5.45 -10.21 12.31
N PRO C 54 6.50 -10.96 12.61
CA PRO C 54 6.53 -12.38 12.23
C PRO C 54 5.40 -13.20 12.84
N TYR C 55 4.97 -12.87 14.05
CA TYR C 55 3.92 -13.61 14.72
C TYR C 55 2.61 -12.84 14.65
N LYS C 56 1.51 -13.58 14.49
CA LYS C 56 0.19 -13.02 14.68
C LYS C 56 -0.76 -13.95 15.42
N GLU C 57 -0.41 -15.22 15.61
CA GLU C 57 -1.27 -16.17 16.31
C GLU C 57 -1.06 -16.01 17.82
N PHE C 58 -1.42 -14.82 18.30
CA PHE C 58 -1.35 -14.39 19.70
C PHE C 58 0.08 -14.19 20.19
N GLY C 59 1.08 -14.50 19.37
CA GLY C 59 2.47 -14.24 19.70
C GLY C 59 3.01 -12.96 19.13
N ALA C 60 2.15 -12.10 18.56
CA ALA C 60 2.61 -10.87 17.92
C ALA C 60 3.37 -9.97 18.88
N SER C 61 3.13 -10.13 20.19
CA SER C 61 3.85 -9.35 21.17
C SER C 61 5.30 -9.84 21.25
N VAL C 62 6.15 -9.26 20.39
CA VAL C 62 7.57 -9.62 20.39
C VAL C 62 8.21 -9.25 21.72
N GLU C 63 7.61 -8.31 22.45
CA GLU C 63 8.12 -7.97 23.78
C GLU C 63 8.05 -9.16 24.73
N LEU C 64 7.10 -10.06 24.53
CA LEU C 64 7.06 -11.27 25.35
C LEU C 64 8.33 -12.10 25.15
N LEU C 65 8.76 -12.26 23.90
CA LEU C 65 10.01 -12.96 23.65
C LEU C 65 11.21 -12.13 24.14
N SER C 66 11.09 -10.81 24.10
CA SER C 66 12.19 -9.97 24.54
C SER C 66 12.38 -10.00 26.05
N PHE C 67 11.30 -10.26 26.80
CA PHE C 67 11.41 -10.33 28.25
C PHE C 67 12.36 -11.44 28.69
N LEU C 68 12.23 -12.60 28.09
CA LEU C 68 13.10 -13.72 28.44
C LEU C 68 14.51 -13.46 27.92
N PRO C 69 15.53 -13.66 28.75
CA PRO C 69 16.90 -13.40 28.29
C PRO C 69 17.30 -14.36 27.17
N SER C 70 18.23 -13.88 26.34
CA SER C 70 18.63 -14.65 25.16
C SER C 70 19.27 -15.98 25.55
N ASP C 71 20.08 -15.96 26.61
CA ASP C 71 20.80 -17.18 27.01
C ASP C 71 19.86 -18.30 27.43
N PHE C 72 18.60 -17.99 27.73
CA PHE C 72 17.68 -19.02 28.18
C PHE C 72 17.43 -20.06 27.09
N PHE C 73 17.27 -19.62 25.84
CA PHE C 73 16.89 -20.52 24.78
C PHE C 73 18.03 -21.48 24.43
N PRO C 74 17.71 -22.70 23.99
CA PRO C 74 18.76 -23.68 23.73
C PRO C 74 19.54 -23.40 22.45
N SER C 75 20.56 -24.20 22.20
CA SER C 75 21.37 -24.06 21.00
C SER C 75 20.66 -24.64 19.79
N ILE C 76 21.18 -24.30 18.61
CA ILE C 76 20.54 -24.70 17.37
C ILE C 76 20.61 -26.21 17.18
N ARG C 77 21.73 -26.82 17.55
CA ARG C 77 21.92 -28.24 17.29
C ARG C 77 20.88 -29.08 18.03
N ASP C 78 20.66 -28.78 19.31
CA ASP C 78 19.73 -29.57 20.10
C ASP C 78 18.31 -29.45 19.56
N LEU C 79 17.87 -28.24 19.27
CA LEU C 79 16.52 -28.04 18.75
C LEU C 79 16.35 -28.71 17.39
N LEU C 80 17.35 -28.59 16.52
CA LEU C 80 17.25 -29.23 15.21
C LEU C 80 17.16 -30.74 15.34
N ASP C 81 18.02 -31.32 16.20
CA ASP C 81 18.01 -32.76 16.37
C ASP C 81 16.69 -33.24 16.94
N THR C 82 16.16 -32.52 17.93
CA THR C 82 14.88 -32.92 18.52
C THR C 82 13.77 -32.85 17.50
N ALA C 83 13.69 -31.74 16.76
CA ALA C 83 12.63 -31.60 15.76
C ALA C 83 12.73 -32.68 14.70
N SER C 84 13.96 -32.96 14.23
CA SER C 84 14.14 -33.98 13.21
C SER C 84 13.72 -35.34 13.72
N ALA C 85 14.23 -35.74 14.88
CA ALA C 85 13.95 -37.07 15.41
C ALA C 85 12.50 -37.23 15.83
N LEU C 86 11.78 -36.13 16.06
CA LEU C 86 10.41 -36.24 16.52
C LEU C 86 9.38 -36.05 15.42
N TYR C 87 9.71 -35.37 14.32
CA TYR C 87 8.71 -35.17 13.28
C TYR C 87 9.27 -35.35 11.88
N ARG C 88 10.24 -36.24 11.71
CA ARG C 88 10.72 -36.54 10.36
C ARG C 88 9.61 -37.12 9.49
N GLU C 89 8.84 -38.05 10.04
CA GLU C 89 7.73 -38.61 9.28
C GLU C 89 6.58 -37.62 9.16
N ALA C 90 6.36 -36.80 10.19
CA ALA C 90 5.27 -35.84 10.13
C ALA C 90 5.48 -34.80 9.05
N LEU C 91 6.71 -34.32 8.90
CA LEU C 91 7.02 -33.29 7.91
C LEU C 91 7.46 -33.88 6.59
N GLU C 92 6.68 -34.83 6.07
CA GLU C 92 7.00 -35.49 4.81
C GLU C 92 5.70 -35.97 4.19
N SER C 93 5.39 -35.42 3.03
CA SER C 93 4.09 -35.62 2.38
C SER C 93 2.90 -35.43 3.34
N PRO C 94 2.79 -34.27 4.00
CA PRO C 94 1.68 -34.06 4.92
C PRO C 94 0.48 -33.48 4.18
N GLU C 95 -0.52 -33.11 4.97
CA GLU C 95 -1.59 -32.22 4.54
C GLU C 95 -1.53 -30.96 5.40
N HIS C 96 -2.51 -30.07 5.23
CA HIS C 96 -2.58 -28.87 6.05
C HIS C 96 -3.10 -29.24 7.44
N CYS C 97 -2.29 -30.03 8.14
CA CYS C 97 -2.67 -30.51 9.46
C CYS C 97 -2.79 -29.37 10.45
N SER C 98 -1.84 -28.44 10.44
CA SER C 98 -1.86 -27.29 11.32
C SER C 98 -0.91 -26.24 10.77
N PRO C 99 -1.25 -24.95 10.90
CA PRO C 99 -0.36 -23.91 10.38
C PRO C 99 1.02 -23.94 11.01
N HIS C 100 1.15 -24.49 12.21
CA HIS C 100 2.46 -24.59 12.84
C HIS C 100 3.41 -25.40 12.00
N HIS C 101 2.93 -26.52 11.44
CA HIS C 101 3.76 -27.36 10.61
C HIS C 101 4.31 -26.57 9.44
N THR C 102 3.44 -25.82 8.76
CA THR C 102 3.89 -24.94 7.68
C THR C 102 4.96 -24.00 8.19
N ALA C 103 4.62 -23.15 9.15
CA ALA C 103 5.54 -22.12 9.62
C ALA C 103 6.90 -22.70 9.94
N LEU C 104 6.93 -23.84 10.63
CA LEU C 104 8.22 -24.42 11.00
C LEU C 104 8.94 -25.00 9.78
N ARG C 105 8.21 -25.51 8.79
CA ARG C 105 8.92 -26.06 7.63
C ARG C 105 9.53 -24.95 6.78
N GLN C 106 8.81 -23.83 6.60
CA GLN C 106 9.46 -22.71 5.93
C GLN C 106 10.60 -22.15 6.77
N ALA C 107 10.47 -22.20 8.10
CA ALA C 107 11.56 -21.72 8.95
C ALA C 107 12.81 -22.57 8.77
N ILE C 108 12.66 -23.90 8.80
CA ILE C 108 13.83 -24.75 8.65
C ILE C 108 14.38 -24.62 7.23
N LEU C 109 13.51 -24.41 6.24
CA LEU C 109 13.99 -24.24 4.88
C LEU C 109 14.80 -22.97 4.73
N CYS C 110 14.33 -21.86 5.30
CA CYS C 110 15.08 -20.61 5.20
C CYS C 110 16.39 -20.71 5.96
N TRP C 111 16.37 -21.36 7.13
CA TRP C 111 17.65 -21.61 7.80
C TRP C 111 18.58 -22.47 6.96
N GLY C 112 18.02 -23.45 6.25
CA GLY C 112 18.85 -24.28 5.38
C GLY C 112 19.49 -23.48 4.28
N GLU C 113 18.75 -22.54 3.70
CA GLU C 113 19.36 -21.74 2.64
C GLU C 113 20.33 -20.70 3.19
N LEU C 114 20.12 -20.19 4.41
CA LEU C 114 21.18 -19.40 5.05
C LEU C 114 22.44 -20.23 5.22
N MET C 115 22.30 -21.48 5.64
CA MET C 115 23.47 -22.34 5.82
C MET C 115 24.13 -22.70 4.50
N ASN C 116 23.34 -22.88 3.44
CA ASN C 116 23.92 -23.07 2.12
C ASN C 116 24.71 -21.85 1.69
N LEU C 117 24.17 -20.66 1.95
CA LEU C 117 24.90 -19.42 1.68
C LEU C 117 26.19 -19.36 2.48
N ALA C 118 26.13 -19.71 3.76
CA ALA C 118 27.32 -19.65 4.61
C ALA C 118 28.38 -20.64 4.15
N THR C 119 27.98 -21.86 3.80
CA THR C 119 28.93 -22.84 3.31
C THR C 119 29.55 -22.41 2.00
N TRP C 120 28.75 -21.82 1.10
CA TRP C 120 29.30 -21.34 -0.16
C TRP C 120 30.23 -20.16 0.06
N VAL C 121 29.93 -19.31 1.04
CA VAL C 121 30.83 -18.21 1.40
C VAL C 121 32.15 -18.77 1.92
N GLY C 122 32.09 -19.79 2.76
CA GLY C 122 33.29 -20.43 3.24
C GLY C 122 34.10 -21.07 2.12
N SER C 123 33.40 -21.63 1.12
CA SER C 123 34.10 -22.17 -0.04
C SER C 123 34.63 -21.09 -0.95
N ASN C 124 34.07 -19.88 -0.85
CA ASN C 124 34.48 -18.77 -1.70
C ASN C 124 34.86 -17.56 -0.86
N LEU C 125 35.69 -17.78 0.16
CA LEU C 125 36.04 -16.72 1.09
C LEU C 125 36.69 -15.54 0.37
N GLU C 126 37.69 -15.81 -0.45
CA GLU C 126 38.43 -14.76 -1.14
C GLU C 126 38.51 -15.02 -2.63
N LEU C 253 36.11 -16.43 11.18
CA LEU C 253 35.54 -15.12 11.44
C LEU C 253 34.26 -14.92 10.65
N VAL C 254 34.22 -15.49 9.44
CA VAL C 254 33.07 -15.30 8.56
C VAL C 254 31.81 -15.90 9.16
N VAL C 255 31.93 -17.09 9.75
CA VAL C 255 30.77 -17.70 10.39
C VAL C 255 30.55 -17.14 11.79
N SER C 256 31.56 -16.51 12.37
CA SER C 256 31.49 -16.10 13.77
C SER C 256 30.48 -14.97 13.98
N TYR C 257 30.52 -13.94 13.12
CA TYR C 257 29.69 -12.77 13.38
C TYR C 257 28.27 -12.92 12.85
N VAL C 258 28.05 -13.77 11.84
CA VAL C 258 26.72 -13.87 11.25
C VAL C 258 25.72 -14.48 12.23
N ASN C 259 26.13 -15.52 12.96
CA ASN C 259 25.21 -16.13 13.90
C ASN C 259 24.87 -15.20 15.05
N VAL C 260 25.74 -14.26 15.38
CA VAL C 260 25.52 -13.33 16.48
C VAL C 260 24.15 -12.66 16.35
N ASN C 261 23.67 -12.50 15.13
CA ASN C 261 22.32 -12.02 14.87
C ASN C 261 21.38 -13.13 14.45
N MET C 262 21.82 -13.95 13.48
CA MET C 262 20.91 -14.90 12.85
C MET C 262 20.39 -15.93 13.86
N GLY C 263 21.25 -16.41 14.74
CA GLY C 263 20.82 -17.36 15.74
C GLY C 263 19.80 -16.79 16.70
N LEU C 264 20.00 -15.54 17.12
CA LEU C 264 19.02 -14.91 17.99
C LEU C 264 17.67 -14.81 17.30
N LYS C 265 17.65 -14.39 16.04
CA LYS C 265 16.37 -14.33 15.33
C LYS C 265 15.73 -15.71 15.23
N ILE C 266 16.48 -16.70 14.76
CA ILE C 266 15.87 -18.00 14.48
C ILE C 266 15.41 -18.67 15.76
N ARG C 267 16.14 -18.46 16.88
CA ARG C 267 15.76 -19.12 18.12
C ARG C 267 14.39 -18.66 18.59
N GLN C 268 14.19 -17.35 18.70
CA GLN C 268 12.88 -16.85 19.09
C GLN C 268 11.83 -17.16 18.01
N LEU C 269 12.27 -17.38 16.77
CA LEU C 269 11.30 -17.76 15.75
C LEU C 269 10.78 -19.18 15.98
N LEU C 270 11.68 -20.16 16.06
CA LEU C 270 11.26 -21.56 15.98
C LEU C 270 10.96 -22.16 17.35
N TRP C 271 11.55 -21.64 18.41
CA TRP C 271 11.36 -22.26 19.72
C TRP C 271 9.89 -22.23 20.12
N PHE C 272 9.23 -21.10 19.87
CA PHE C 272 7.81 -20.99 20.19
C PHE C 272 7.01 -22.05 19.44
N HIS C 273 7.29 -22.21 18.14
CA HIS C 273 6.53 -23.16 17.35
C HIS C 273 6.74 -24.59 17.85
N ILE C 274 8.00 -24.97 18.07
CA ILE C 274 8.27 -26.36 18.43
C ILE C 274 7.72 -26.65 19.82
N SER C 275 7.81 -25.68 20.74
CA SER C 275 7.26 -25.90 22.07
C SER C 275 5.74 -25.98 22.04
N CYS C 276 5.09 -25.04 21.35
CA CYS C 276 3.64 -24.99 21.33
C CYS C 276 3.02 -26.06 20.44
N LEU C 277 3.84 -26.77 19.64
CA LEU C 277 3.29 -27.86 18.86
C LEU C 277 2.68 -28.94 19.74
N THR C 278 3.36 -29.27 20.83
CA THR C 278 2.76 -30.03 21.92
C THR C 278 2.21 -29.03 22.94
N PHE C 279 1.65 -29.57 24.03
CA PHE C 279 1.23 -28.82 25.20
C PHE C 279 0.00 -27.95 24.97
N GLY C 280 -0.53 -27.90 23.75
CA GLY C 280 -1.81 -27.27 23.47
C GLY C 280 -1.75 -25.91 22.82
N ARG C 281 -0.60 -25.24 22.85
CA ARG C 281 -0.30 -23.90 22.34
C ARG C 281 -0.77 -22.79 23.26
N GLU C 282 -1.55 -23.06 24.31
CA GLU C 282 -1.85 -22.01 25.27
C GLU C 282 -1.03 -22.13 26.54
N THR C 283 -0.70 -23.36 26.97
CA THR C 283 0.07 -23.54 28.18
C THR C 283 1.39 -22.78 28.12
N VAL C 284 1.97 -22.69 26.93
CA VAL C 284 3.20 -21.92 26.76
C VAL C 284 2.97 -20.47 27.15
N LEU C 285 1.76 -19.95 26.93
CA LEU C 285 1.50 -18.54 27.22
C LEU C 285 1.61 -18.24 28.71
N GLU C 286 0.89 -19.01 29.54
CA GLU C 286 0.98 -18.71 30.97
C GLU C 286 2.31 -19.18 31.55
N TYR C 287 2.95 -20.19 30.95
CA TYR C 287 4.31 -20.50 31.35
C TYR C 287 5.22 -19.29 31.12
N LEU C 288 5.07 -18.65 29.96
CA LEU C 288 5.89 -17.48 29.64
C LEU C 288 5.64 -16.36 30.62
N VAL C 289 4.37 -16.05 30.88
CA VAL C 289 4.06 -14.91 31.75
C VAL C 289 4.49 -15.22 33.18
N SER C 290 4.33 -16.47 33.63
CA SER C 290 4.76 -16.84 34.96
C SER C 290 6.27 -16.74 35.11
N PHE C 291 7.02 -17.16 34.09
CA PHE C 291 8.46 -17.04 34.16
C PHE C 291 8.88 -15.57 34.16
N GLY C 292 8.17 -14.73 33.39
CA GLY C 292 8.45 -13.30 33.44
C GLY C 292 8.22 -12.71 34.81
N VAL C 293 7.12 -13.11 35.45
CA VAL C 293 6.86 -12.66 36.82
C VAL C 293 7.97 -13.14 37.75
N TRP C 294 8.36 -14.40 37.61
CA TRP C 294 9.38 -14.98 38.49
C TRP C 294 10.70 -14.26 38.36
N ILE C 295 11.12 -13.95 37.14
CA ILE C 295 12.38 -13.23 36.97
C ILE C 295 12.24 -11.79 37.43
N ARG C 296 11.06 -11.19 37.27
CA ARG C 296 10.86 -9.83 37.75
C ARG C 296 10.94 -9.74 39.27
N THR C 297 10.65 -10.83 39.98
CA THR C 297 10.73 -10.81 41.43
C THR C 297 12.16 -10.58 41.89
N PRO C 298 12.36 -9.95 43.05
CA PRO C 298 13.71 -9.66 43.51
C PRO C 298 14.51 -10.93 43.74
N PRO C 299 15.78 -10.94 43.37
CA PRO C 299 16.60 -12.15 43.58
C PRO C 299 16.77 -12.51 45.04
N ALA C 300 16.76 -11.53 45.95
CA ALA C 300 16.98 -11.82 47.36
C ALA C 300 15.88 -12.73 47.90
N TYR C 301 14.63 -12.45 47.57
CA TYR C 301 13.51 -13.32 47.90
C TYR C 301 13.01 -13.93 46.60
N ARG C 302 13.47 -15.14 46.32
CA ARG C 302 13.13 -15.87 45.10
C ARG C 302 12.62 -17.24 45.49
N PRO C 303 11.41 -17.63 45.08
CA PRO C 303 11.00 -19.02 45.27
C PRO C 303 11.96 -19.95 44.56
N PRO C 304 12.11 -21.18 45.04
CA PRO C 304 13.28 -21.99 44.65
C PRO C 304 13.44 -22.20 43.16
N ASN C 305 12.36 -22.39 42.43
CA ASN C 305 12.47 -22.70 41.01
C ASN C 305 11.13 -22.48 40.33
N ALA C 306 11.16 -22.35 39.00
CA ALA C 306 9.95 -22.22 38.22
C ALA C 306 10.17 -22.72 36.79
N PRO C 307 10.45 -24.00 36.59
CA PRO C 307 10.75 -24.51 35.25
C PRO C 307 9.49 -24.68 34.42
N ILE C 308 9.67 -25.25 33.23
CA ILE C 308 8.54 -25.56 32.37
C ILE C 308 7.88 -26.85 32.84
N LEU C 309 6.56 -26.85 32.88
CA LEU C 309 5.77 -28.00 33.30
C LEU C 309 5.08 -28.60 32.09
N SER C 310 5.38 -29.86 31.79
CA SER C 310 4.73 -30.55 30.69
C SER C 310 3.35 -31.04 31.13
N THR C 311 2.56 -31.45 30.14
CA THR C 311 1.23 -31.98 30.40
C THR C 311 0.75 -32.85 29.24
N TYR D 49 21.39 -30.21 6.40
CA TYR D 49 21.38 -31.64 6.69
C TYR D 49 20.12 -32.28 6.12
N TYR D 50 19.08 -31.46 5.95
CA TYR D 50 17.77 -31.94 5.54
C TYR D 50 17.24 -31.07 4.41
N ASP D 51 16.36 -31.66 3.60
CA ASP D 51 15.70 -30.96 2.51
C ASP D 51 14.25 -31.36 2.47
N ILE D 52 13.36 -30.39 2.23
CA ILE D 52 11.94 -30.62 2.15
C ILE D 52 11.38 -29.86 0.95
N ASP D 53 10.20 -30.28 0.51
CA ASP D 53 9.56 -29.64 -0.64
C ASP D 53 8.78 -28.42 -0.19
N PRO D 54 9.13 -27.22 -0.66
CA PRO D 54 8.32 -26.04 -0.32
C PRO D 54 6.90 -26.15 -0.79
N TYR D 55 6.65 -26.86 -1.89
CA TYR D 55 5.38 -26.78 -2.59
C TYR D 55 4.50 -28.01 -2.45
N LYS D 56 4.96 -29.06 -1.77
CA LYS D 56 4.22 -30.31 -1.83
C LYS D 56 2.86 -30.16 -1.14
N GLU D 57 2.84 -29.49 0.02
CA GLU D 57 1.61 -29.38 0.79
C GLU D 57 0.52 -28.69 -0.01
N PHE D 58 0.90 -27.88 -0.99
CA PHE D 58 -0.05 -27.28 -1.92
C PHE D 58 -0.33 -28.16 -3.13
N GLY D 59 0.42 -29.24 -3.31
CA GLY D 59 0.20 -30.16 -4.40
C GLY D 59 1.13 -30.02 -5.58
N ALA D 60 2.21 -29.27 -5.44
CA ALA D 60 3.16 -29.06 -6.53
C ALA D 60 4.55 -29.53 -6.13
N SER D 61 5.36 -29.85 -7.13
CA SER D 61 6.71 -30.34 -6.91
C SER D 61 7.72 -29.32 -7.40
N VAL D 62 8.95 -29.46 -6.91
CA VAL D 62 10.03 -28.59 -7.35
C VAL D 62 10.33 -28.82 -8.83
N GLU D 63 10.21 -30.06 -9.29
CA GLU D 63 10.40 -30.35 -10.71
C GLU D 63 9.35 -29.63 -11.54
N LEU D 64 8.10 -29.66 -11.09
CA LEU D 64 7.01 -29.07 -11.86
C LEU D 64 7.20 -27.57 -12.02
N LEU D 65 7.52 -26.87 -10.92
CA LEU D 65 7.69 -25.43 -11.01
C LEU D 65 8.98 -25.07 -11.73
N SER D 66 10.05 -25.81 -11.51
CA SER D 66 11.32 -25.52 -12.17
C SER D 66 11.25 -25.76 -13.66
N PHE D 67 10.18 -26.40 -14.14
CA PHE D 67 10.06 -26.67 -15.56
C PHE D 67 9.94 -25.37 -16.35
N LEU D 68 9.35 -24.34 -15.76
CA LEU D 68 9.27 -23.05 -16.40
C LEU D 68 10.65 -22.43 -16.54
N PRO D 69 10.89 -21.65 -17.59
CA PRO D 69 12.18 -20.99 -17.75
C PRO D 69 12.42 -19.97 -16.66
N SER D 70 13.70 -19.81 -16.31
CA SER D 70 14.07 -18.89 -15.23
C SER D 70 13.81 -17.44 -15.62
N ASP D 71 14.10 -17.08 -16.87
CA ASP D 71 13.97 -15.69 -17.30
C ASP D 71 12.53 -15.20 -17.27
N PHE D 72 11.55 -16.11 -17.31
CA PHE D 72 10.16 -15.69 -17.35
C PHE D 72 9.75 -14.95 -16.07
N PHE D 73 10.29 -15.35 -14.93
CA PHE D 73 9.91 -14.72 -13.67
C PHE D 73 10.38 -13.26 -13.65
N PRO D 74 9.51 -12.33 -13.31
CA PRO D 74 9.90 -10.91 -13.33
C PRO D 74 10.72 -10.50 -12.13
N SER D 75 10.97 -9.19 -12.00
CA SER D 75 11.83 -8.67 -10.95
C SER D 75 11.20 -8.87 -9.57
N ILE D 76 11.91 -8.43 -8.53
CA ILE D 76 11.46 -8.64 -7.17
C ILE D 76 10.79 -7.39 -6.64
N ARG D 77 11.29 -6.22 -7.03
CA ARG D 77 10.75 -4.96 -6.53
C ARG D 77 9.29 -4.80 -6.94
N ASP D 78 8.99 -5.02 -8.22
CA ASP D 78 7.62 -4.95 -8.70
C ASP D 78 6.75 -6.00 -8.04
N LEU D 79 7.28 -7.22 -7.84
CA LEU D 79 6.51 -8.25 -7.18
C LEU D 79 6.13 -7.85 -5.75
N LEU D 80 7.11 -7.33 -5.01
CA LEU D 80 6.83 -6.87 -3.65
C LEU D 80 5.82 -5.74 -3.65
N ASP D 81 5.95 -4.80 -4.60
CA ASP D 81 5.01 -3.69 -4.69
C ASP D 81 3.60 -4.20 -4.95
N THR D 82 3.46 -5.16 -5.87
CA THR D 82 2.14 -5.72 -6.16
C THR D 82 1.55 -6.37 -4.92
N ALA D 83 2.34 -7.24 -4.27
CA ALA D 83 1.82 -7.95 -3.10
C ALA D 83 1.37 -6.98 -2.02
N SER D 84 2.20 -5.97 -1.75
CA SER D 84 1.85 -4.98 -0.74
C SER D 84 0.59 -4.23 -1.13
N ALA D 85 0.58 -3.67 -2.34
CA ALA D 85 -0.56 -2.87 -2.77
C ALA D 85 -1.86 -3.65 -2.69
N LEU D 86 -1.81 -4.95 -3.00
CA LEU D 86 -3.03 -5.75 -2.94
C LEU D 86 -3.42 -6.10 -1.51
N TYR D 87 -2.46 -6.43 -0.65
CA TYR D 87 -2.84 -7.07 0.61
C TYR D 87 -2.07 -6.51 1.81
N ARG D 88 -1.89 -5.18 1.86
CA ARG D 88 -1.34 -4.56 3.05
C ARG D 88 -2.13 -4.95 4.30
N GLU D 89 -3.46 -4.83 4.24
CA GLU D 89 -4.26 -5.20 5.40
C GLU D 89 -4.40 -6.71 5.54
N ALA D 90 -4.41 -7.43 4.42
CA ALA D 90 -4.65 -8.87 4.48
C ALA D 90 -3.50 -9.61 5.15
N LEU D 91 -2.26 -9.28 4.76
CA LEU D 91 -1.13 -9.96 5.37
C LEU D 91 -0.97 -9.57 6.84
N GLU D 92 -1.31 -8.34 7.19
CA GLU D 92 -1.20 -7.86 8.56
C GLU D 92 -2.45 -8.11 9.38
N SER D 93 -3.45 -8.78 8.82
CA SER D 93 -4.68 -9.04 9.55
C SER D 93 -4.40 -9.94 10.75
N PRO D 94 -5.11 -9.75 11.87
CA PRO D 94 -4.87 -10.59 13.04
C PRO D 94 -5.16 -12.06 12.82
N GLU D 95 -6.12 -12.38 11.96
CA GLU D 95 -6.57 -13.76 11.77
C GLU D 95 -5.90 -14.37 10.55
N HIS D 96 -5.47 -15.63 10.70
CA HIS D 96 -4.80 -16.36 9.62
C HIS D 96 -5.86 -17.08 8.82
N CYS D 97 -6.37 -16.41 7.78
CA CYS D 97 -7.47 -16.96 7.00
C CYS D 97 -7.04 -18.19 6.21
N SER D 98 -5.94 -18.09 5.48
CA SER D 98 -5.50 -19.17 4.61
C SER D 98 -4.02 -19.42 4.83
N PRO D 99 -3.56 -20.66 4.59
CA PRO D 99 -2.13 -20.94 4.75
C PRO D 99 -1.25 -20.13 3.84
N HIS D 100 -1.75 -19.71 2.67
CA HIS D 100 -0.93 -18.95 1.73
C HIS D 100 -0.48 -17.64 2.34
N HIS D 101 -1.38 -16.95 3.02
CA HIS D 101 -1.04 -15.68 3.65
C HIS D 101 0.08 -15.87 4.68
N THR D 102 -0.05 -16.90 5.51
CA THR D 102 0.98 -17.17 6.51
C THR D 102 2.31 -17.47 5.83
N ALA D 103 2.29 -18.34 4.83
CA ALA D 103 3.53 -18.75 4.19
C ALA D 103 4.24 -17.56 3.56
N LEU D 104 3.49 -16.74 2.82
CA LEU D 104 4.11 -15.55 2.25
C LEU D 104 4.57 -14.59 3.33
N ARG D 105 3.91 -14.62 4.49
CA ARG D 105 4.35 -13.76 5.59
C ARG D 105 5.75 -14.15 6.06
N GLN D 106 5.96 -15.44 6.37
CA GLN D 106 7.33 -15.81 6.73
C GLN D 106 8.29 -15.62 5.58
N ALA D 107 7.83 -15.78 4.33
CA ALA D 107 8.71 -15.57 3.19
C ALA D 107 9.22 -14.13 3.13
N ILE D 108 8.30 -13.18 3.26
CA ILE D 108 8.69 -11.78 3.16
C ILE D 108 9.54 -11.37 4.36
N LEU D 109 9.23 -11.90 5.55
CA LEU D 109 10.11 -11.65 6.68
C LEU D 109 11.51 -12.22 6.46
N CYS D 110 11.59 -13.40 5.84
CA CYS D 110 12.89 -13.97 5.51
C CYS D 110 13.65 -13.07 4.55
N TRP D 111 12.97 -12.56 3.53
CA TRP D 111 13.66 -11.64 2.62
C TRP D 111 14.08 -10.36 3.33
N GLY D 112 13.26 -9.85 4.24
CA GLY D 112 13.63 -8.64 4.95
C GLY D 112 14.87 -8.85 5.80
N GLU D 113 14.92 -9.94 6.57
CA GLU D 113 16.12 -10.20 7.35
C GLU D 113 17.31 -10.50 6.44
N LEU D 114 17.08 -11.08 5.27
CA LEU D 114 18.17 -11.39 4.37
C LEU D 114 18.76 -10.13 3.75
N MET D 115 17.92 -9.18 3.34
CA MET D 115 18.45 -7.93 2.82
C MET D 115 19.11 -7.12 3.95
N ASN D 116 18.59 -7.25 5.17
CA ASN D 116 19.28 -6.65 6.31
C ASN D 116 20.68 -7.26 6.47
N LEU D 117 20.79 -8.57 6.31
CA LEU D 117 22.09 -9.23 6.36
C LEU D 117 22.98 -8.75 5.22
N ALA D 118 22.41 -8.55 4.03
CA ALA D 118 23.19 -8.05 2.90
C ALA D 118 23.72 -6.66 3.19
N THR D 119 22.90 -5.79 3.77
CA THR D 119 23.35 -4.46 4.15
C THR D 119 24.45 -4.53 5.20
N TRP D 120 24.30 -5.41 6.19
CA TRP D 120 25.31 -5.55 7.22
C TRP D 120 26.62 -6.06 6.62
N VAL D 121 26.54 -6.97 5.66
CA VAL D 121 27.73 -7.46 4.95
C VAL D 121 28.38 -6.33 4.17
N GLY D 122 27.56 -5.52 3.48
CA GLY D 122 28.11 -4.39 2.75
C GLY D 122 28.80 -3.40 3.66
N SER D 123 28.25 -3.19 4.85
CA SER D 123 28.91 -2.32 5.82
C SER D 123 30.17 -2.97 6.39
N ASN D 124 30.21 -4.30 6.43
CA ASN D 124 31.33 -5.06 6.99
C ASN D 124 32.02 -5.91 5.92
N LEU D 125 32.23 -5.33 4.73
CA LEU D 125 32.87 -6.08 3.66
C LEU D 125 34.30 -6.47 4.01
N GLU D 126 35.05 -5.54 4.62
CA GLU D 126 36.44 -5.81 4.97
C GLU D 126 36.65 -5.71 6.47
N LEU D 253 30.42 -6.71 -7.09
CA LEU D 253 30.68 -8.13 -7.28
C LEU D 253 30.03 -8.93 -6.16
N VAL D 254 30.04 -8.38 -4.95
CA VAL D 254 29.49 -9.07 -3.80
C VAL D 254 27.99 -9.29 -3.96
N VAL D 255 27.27 -8.26 -4.40
CA VAL D 255 25.84 -8.40 -4.63
C VAL D 255 25.55 -9.28 -5.84
N SER D 256 26.46 -9.30 -6.82
CA SER D 256 26.16 -9.90 -8.11
C SER D 256 25.85 -11.39 -8.00
N TYR D 257 26.71 -12.14 -7.31
CA TYR D 257 26.52 -13.58 -7.22
C TYR D 257 25.38 -13.95 -6.30
N VAL D 258 25.06 -13.10 -5.33
CA VAL D 258 24.16 -13.50 -4.25
C VAL D 258 22.71 -13.17 -4.60
N ASN D 259 22.49 -12.03 -5.25
CA ASN D 259 21.13 -11.64 -5.60
C ASN D 259 20.50 -12.67 -6.54
N VAL D 260 21.25 -13.15 -7.52
CA VAL D 260 20.70 -14.13 -8.46
C VAL D 260 20.34 -15.42 -7.74
N ASN D 261 21.22 -15.90 -6.86
CA ASN D 261 21.01 -17.23 -6.28
C ASN D 261 19.87 -17.22 -5.28
N MET D 262 19.60 -16.08 -4.61
CA MET D 262 18.32 -16.06 -3.91
C MET D 262 17.14 -15.78 -4.84
N GLY D 263 17.32 -14.94 -5.87
CA GLY D 263 16.20 -14.58 -6.72
C GLY D 263 15.58 -15.79 -7.38
N LEU D 264 16.41 -16.71 -7.86
CA LEU D 264 15.95 -17.93 -8.53
C LEU D 264 15.13 -18.82 -7.63
N LYS D 265 14.90 -18.43 -6.37
CA LYS D 265 13.98 -19.10 -5.45
C LYS D 265 12.88 -18.18 -4.98
N ILE D 266 13.23 -16.96 -4.56
CA ILE D 266 12.25 -16.05 -3.97
C ILE D 266 11.25 -15.59 -5.02
N ARG D 267 11.71 -15.38 -6.26
CA ARG D 267 10.78 -14.97 -7.31
C ARG D 267 9.73 -16.05 -7.50
N GLN D 268 10.15 -17.31 -7.59
CA GLN D 268 9.21 -18.41 -7.76
C GLN D 268 8.26 -18.48 -6.58
N LEU D 269 8.78 -18.37 -5.36
CA LEU D 269 7.97 -18.53 -4.17
C LEU D 269 6.88 -17.46 -4.10
N LEU D 270 7.30 -16.20 -4.21
CA LEU D 270 6.38 -15.09 -4.10
C LEU D 270 5.39 -15.09 -5.26
N TRP D 271 5.87 -15.38 -6.47
CA TRP D 271 4.97 -15.43 -7.61
C TRP D 271 3.90 -16.49 -7.43
N PHE D 272 4.31 -17.68 -6.98
CA PHE D 272 3.35 -18.78 -6.87
C PHE D 272 2.27 -18.46 -5.85
N HIS D 273 2.66 -18.00 -4.66
CA HIS D 273 1.60 -17.74 -3.67
C HIS D 273 0.66 -16.63 -4.11
N ILE D 274 1.18 -15.52 -4.63
CA ILE D 274 0.28 -14.42 -4.99
C ILE D 274 -0.59 -14.82 -6.19
N SER D 275 -0.02 -15.55 -7.15
CA SER D 275 -0.78 -15.94 -8.33
C SER D 275 -1.86 -16.95 -7.97
N CYS D 276 -1.52 -17.95 -7.16
CA CYS D 276 -2.50 -18.95 -6.75
C CYS D 276 -3.49 -18.41 -5.74
N LEU D 277 -3.19 -17.28 -5.11
CA LEU D 277 -4.14 -16.68 -4.18
C LEU D 277 -5.44 -16.34 -4.89
N THR D 278 -5.35 -15.76 -6.07
CA THR D 278 -6.50 -15.64 -6.95
C THR D 278 -6.55 -16.84 -7.87
N PHE D 279 -7.52 -16.83 -8.79
CA PHE D 279 -7.61 -17.80 -9.88
C PHE D 279 -7.97 -19.20 -9.37
N GLY D 280 -8.07 -19.37 -8.05
CA GLY D 280 -8.54 -20.60 -7.45
C GLY D 280 -7.45 -21.51 -6.91
N ARG D 281 -6.19 -21.31 -7.32
CA ARG D 281 -5.00 -22.10 -7.01
C ARG D 281 -4.94 -23.41 -7.81
N GLU D 282 -5.99 -23.78 -8.55
CA GLU D 282 -5.86 -24.91 -9.44
C GLU D 282 -5.58 -24.49 -10.87
N THR D 283 -6.22 -23.43 -11.34
CA THR D 283 -6.03 -22.97 -12.72
C THR D 283 -4.57 -22.69 -13.01
N VAL D 284 -3.80 -22.35 -11.97
CA VAL D 284 -2.35 -22.17 -12.14
C VAL D 284 -1.73 -23.47 -12.63
N LEU D 285 -2.20 -24.61 -12.14
CA LEU D 285 -1.61 -25.89 -12.53
C LEU D 285 -1.82 -26.17 -14.01
N GLU D 286 -3.07 -26.03 -14.49
CA GLU D 286 -3.28 -26.23 -15.91
C GLU D 286 -2.56 -25.19 -16.75
N TYR D 287 -2.47 -23.96 -16.26
CA TYR D 287 -1.73 -22.94 -17.00
C TYR D 287 -0.27 -23.35 -17.15
N LEU D 288 0.34 -23.81 -16.06
CA LEU D 288 1.76 -24.14 -16.14
C LEU D 288 1.98 -25.40 -16.97
N VAL D 289 1.08 -26.38 -16.90
CA VAL D 289 1.27 -27.58 -17.69
C VAL D 289 1.09 -27.28 -19.17
N SER D 290 0.14 -26.40 -19.51
CA SER D 290 -0.01 -25.99 -20.90
C SER D 290 1.22 -25.20 -21.36
N PHE D 291 1.75 -24.36 -20.49
CA PHE D 291 2.97 -23.62 -20.84
C PHE D 291 4.13 -24.56 -21.10
N GLY D 292 4.27 -25.59 -20.27
CA GLY D 292 5.32 -26.56 -20.48
C GLY D 292 5.15 -27.33 -21.77
N VAL D 293 3.91 -27.72 -22.08
CA VAL D 293 3.65 -28.39 -23.36
C VAL D 293 4.02 -27.47 -24.51
N TRP D 294 3.65 -26.19 -24.41
CA TRP D 294 3.95 -25.24 -25.46
C TRP D 294 5.44 -25.06 -25.65
N ILE D 295 6.19 -24.96 -24.55
CA ILE D 295 7.61 -24.66 -24.67
C ILE D 295 8.41 -25.91 -25.06
N ARG D 296 7.94 -27.10 -24.69
CA ARG D 296 8.61 -28.33 -25.12
C ARG D 296 8.59 -28.48 -26.64
N THR D 297 7.64 -27.82 -27.32
CA THR D 297 7.59 -27.89 -28.77
C THR D 297 8.72 -27.07 -29.38
N PRO D 298 9.32 -27.53 -30.46
CA PRO D 298 10.36 -26.75 -31.13
C PRO D 298 9.78 -25.51 -31.78
N PRO D 299 10.59 -24.48 -32.02
CA PRO D 299 10.08 -23.24 -32.61
C PRO D 299 9.76 -23.32 -34.10
N ALA D 300 9.93 -24.48 -34.73
CA ALA D 300 9.62 -24.61 -36.14
C ALA D 300 8.16 -24.30 -36.42
N TYR D 301 7.26 -24.86 -35.60
CA TYR D 301 5.85 -24.54 -35.63
C TYR D 301 5.38 -24.28 -34.21
N ARG D 302 4.87 -23.09 -33.96
CA ARG D 302 4.60 -22.65 -32.60
C ARG D 302 3.60 -21.49 -32.60
N PRO D 303 2.48 -21.62 -31.91
CA PRO D 303 1.51 -20.51 -31.84
C PRO D 303 2.12 -19.31 -31.13
N PRO D 304 1.76 -18.09 -31.55
CA PRO D 304 2.41 -16.90 -30.99
C PRO D 304 1.86 -16.45 -29.65
N ASN D 305 0.75 -17.00 -29.17
CA ASN D 305 0.12 -16.54 -27.93
C ASN D 305 0.09 -17.68 -26.91
N ALA D 306 1.20 -17.83 -26.19
CA ALA D 306 1.35 -18.81 -25.11
C ALA D 306 0.77 -18.39 -23.76
N PRO D 307 1.06 -17.16 -23.25
CA PRO D 307 1.05 -16.94 -21.80
C PRO D 307 -0.31 -16.93 -21.12
N ILE D 308 -0.29 -16.56 -19.85
CA ILE D 308 -1.45 -16.69 -18.97
C ILE D 308 -2.60 -15.83 -19.47
N LEU D 309 -3.81 -16.35 -19.29
CA LEU D 309 -5.03 -15.62 -19.56
C LEU D 309 -5.41 -14.77 -18.34
N SER D 310 -6.57 -14.12 -18.42
CA SER D 310 -7.09 -13.30 -17.34
C SER D 310 -8.49 -13.77 -16.99
N THR D 311 -8.73 -13.95 -15.70
CA THR D 311 -10.04 -14.37 -15.23
C THR D 311 -10.62 -13.36 -14.25
#